data_7F0I
#
_entry.id   7F0I
#
_cell.length_a   103.467
_cell.length_b   103.467
_cell.length_c   268.921
_cell.angle_alpha   90.000
_cell.angle_beta   90.000
_cell.angle_gamma   90.000
#
_symmetry.space_group_name_H-M   'P 41 21 2'
#
loop_
_entity.id
_entity.type
_entity.pdbx_description
1 polymer "Isoform PDE9A2 of High affinity cGMP-specific 3',5'-cyclic phosphodiesterase 9A"
2 non-polymer 'ZINC ION'
3 non-polymer 'MAGNESIUM ION'
4 non-polymer 1-cyclopentyl-6-[[(2R)-1-(6-fluoranyl-2-azaspiro[3.3]heptan-2-yl)-1-oxidanylidene-propan-2-yl]amino]-5H-pyrazolo[3,4-d]pyrimidin-4-one
5 water water
#
_entity_poly.entity_id   1
_entity_poly.type   'polypeptide(L)'
_entity_poly.pdbx_seq_one_letter_code
;MGSGSSSYRPKAIYLDIDGRIQKVIFSKYCNSSDIMDLFCIATGLPRNTTISLLTTDDAMVSIDPTMPANSERTPYKVRP
VAIKQLSEREELIQSVLAQVAEQFSRAFKINELKAEVANHLAVLEKRVELEGLKVVEIEKCKSDIKKMREELAARSSRTN
CPCKYSFLDNHKKLTPRRDVPTYPKYLLSPETIEALRKPTFDVWLWEPNEMLSCLEHMYHDLGLVRDFSINPVTLRRWLF
CVHDNYRNNPFHNFRHCFCVAQMMYSMVWLCSLQEKFSQTDILILMTAAICHDLDHPGYNNTYQINARTELAVRYNDISP
LENHHCAVAFQILAEPECNIFSNIPPDGFKQIRQGMITLILATDMARHAEIMDSFKEKMENFDYSNEEHMTLLKMILIKC
CDISNEVRPMEVAEPWVDCLLEEYFMQSDREKSEGLPVAPFMDRDKVTKATAQIGFIKFVLIPMFETVTKLFPMVEEIML
QPLWESRDRYEELKRIDDAMKELQKKTDSLTSGATEKSRERSRDVKNSEGDCA
;
_entity_poly.pdbx_strand_id   A,B
#
# COMPACT_ATOMS: atom_id res chain seq x y z
N LEU A 187 -39.22 8.67 1.54
CA LEU A 187 -39.76 9.98 1.86
C LEU A 187 -39.66 10.36 3.34
N LEU A 188 -38.84 11.34 3.64
CA LEU A 188 -38.55 11.75 5.00
C LEU A 188 -39.46 12.91 5.38
N SER A 189 -39.67 13.06 6.67
CA SER A 189 -40.47 14.16 7.16
C SER A 189 -39.63 15.41 7.38
N PRO A 190 -40.27 16.58 7.43
CA PRO A 190 -39.63 17.75 8.04
C PRO A 190 -38.93 17.40 9.35
N GLU A 191 -39.63 16.68 10.23
CA GLU A 191 -39.08 16.29 11.52
C GLU A 191 -37.77 15.50 11.36
N THR A 192 -37.81 14.40 10.58
CA THR A 192 -36.62 13.57 10.38
C THR A 192 -35.46 14.39 9.85
N ILE A 193 -35.74 15.41 9.05
CA ILE A 193 -34.67 16.18 8.44
C ILE A 193 -34.01 17.14 9.41
N GLU A 194 -34.67 17.51 10.50
CA GLU A 194 -33.96 18.22 11.54
C GLU A 194 -33.19 17.26 12.44
N ALA A 195 -33.65 16.02 12.57
CA ALA A 195 -32.92 15.04 13.38
C ALA A 195 -31.66 14.53 12.66
N LEU A 196 -31.70 14.47 11.33
CA LEU A 196 -30.58 13.98 10.53
C LEU A 196 -29.30 14.75 10.79
N ARG A 197 -29.41 16.01 11.21
CA ARG A 197 -28.26 16.88 11.38
C ARG A 197 -27.68 16.87 12.80
N LYS A 198 -28.06 15.91 13.63
CA LYS A 198 -27.70 15.97 15.03
C LYS A 198 -27.21 14.61 15.53
N PRO A 199 -26.10 14.59 16.27
CA PRO A 199 -25.51 13.31 16.70
C PRO A 199 -26.37 12.51 17.66
N THR A 200 -27.55 13.00 18.05
CA THR A 200 -28.49 12.25 18.87
C THR A 200 -29.40 11.37 18.04
N PHE A 201 -29.27 11.42 16.71
CA PHE A 201 -30.18 10.74 15.77
C PHE A 201 -30.17 9.23 15.98
N ASP A 202 -31.34 8.64 16.24
CA ASP A 202 -31.46 7.20 16.52
C ASP A 202 -31.37 6.46 15.19
N VAL A 203 -30.21 5.84 14.94
CA VAL A 203 -29.97 5.13 13.68
C VAL A 203 -30.59 3.75 13.65
N TRP A 204 -31.06 3.25 14.80
CA TRP A 204 -31.71 1.94 14.90
C TRP A 204 -33.15 1.91 14.40
N LEU A 205 -33.81 3.09 14.31
CA LEU A 205 -35.23 3.19 13.99
C LEU A 205 -35.56 3.05 12.50
N TRP A 206 -34.58 3.17 11.61
CA TRP A 206 -34.81 3.15 10.17
C TRP A 206 -34.44 1.81 9.59
N GLU A 207 -34.83 1.60 8.34
CA GLU A 207 -34.47 0.45 7.53
C GLU A 207 -33.61 0.89 6.35
N PRO A 208 -32.97 -0.06 5.64
CA PRO A 208 -32.16 0.32 4.46
C PRO A 208 -32.83 1.32 3.55
N ASN A 209 -34.12 1.16 3.27
CA ASN A 209 -34.80 2.12 2.41
C ASN A 209 -34.61 3.54 2.93
N GLU A 210 -34.85 3.76 4.22
CA GLU A 210 -34.85 5.11 4.78
C GLU A 210 -33.44 5.66 5.03
N MET A 211 -32.50 4.79 5.41
CA MET A 211 -31.11 5.24 5.52
C MET A 211 -30.60 5.67 4.15
N LEU A 212 -31.01 4.96 3.10
CA LEU A 212 -30.64 5.35 1.74
C LEU A 212 -31.17 6.75 1.40
N SER A 213 -32.45 7.01 1.68
CA SER A 213 -33.01 8.35 1.50
C SER A 213 -32.35 9.37 2.42
N CYS A 214 -31.94 8.92 3.61
CA CYS A 214 -31.23 9.78 4.54
C CYS A 214 -29.85 10.17 3.99
N LEU A 215 -29.12 9.20 3.44
CA LEU A 215 -27.84 9.54 2.84
C LEU A 215 -28.02 10.49 1.66
N GLU A 216 -29.02 10.21 0.83
CA GLU A 216 -29.26 11.03 -0.36
C GLU A 216 -29.64 12.46 0.02
N HIS A 217 -30.45 12.62 1.06
CA HIS A 217 -30.72 13.97 1.57
C HIS A 217 -29.43 14.72 1.84
N MET A 218 -28.42 14.03 2.39
CA MET A 218 -27.20 14.69 2.83
C MET A 218 -26.47 15.34 1.66
N TYR A 219 -26.47 14.68 0.50
CA TYR A 219 -25.70 15.22 -0.62
C TYR A 219 -26.37 16.45 -1.22
N HIS A 220 -27.71 16.47 -1.25
CA HIS A 220 -28.42 17.70 -1.57
C HIS A 220 -28.15 18.78 -0.52
N ASP A 221 -28.38 18.45 0.75
CA ASP A 221 -28.33 19.43 1.84
C ASP A 221 -26.97 20.13 1.95
N LEU A 222 -25.87 19.39 1.76
CA LEU A 222 -24.53 19.99 1.75
C LEU A 222 -24.16 20.60 0.40
N GLY A 223 -25.05 20.50 -0.59
CA GLY A 223 -24.83 21.16 -1.86
C GLY A 223 -23.80 20.55 -2.76
N LEU A 224 -23.34 19.33 -2.50
CA LEU A 224 -22.41 18.67 -3.41
C LEU A 224 -23.10 18.28 -4.71
N VAL A 225 -24.33 17.78 -4.61
CA VAL A 225 -25.22 17.56 -5.73
C VAL A 225 -25.17 18.74 -6.68
N ARG A 226 -25.24 19.95 -6.11
CA ARG A 226 -25.26 21.13 -6.97
C ARG A 226 -23.87 21.53 -7.44
N ASP A 227 -22.85 21.42 -6.59
CA ASP A 227 -21.55 21.98 -6.93
C ASP A 227 -20.63 21.03 -7.71
N PHE A 228 -20.99 19.76 -7.83
CA PHE A 228 -20.27 18.87 -8.73
C PHE A 228 -21.19 18.28 -9.80
N SER A 229 -22.38 18.87 -9.96
CA SER A 229 -23.36 18.46 -10.98
C SER A 229 -23.57 16.94 -10.96
N ILE A 230 -24.15 16.48 -9.86
CA ILE A 230 -24.41 15.06 -9.65
C ILE A 230 -25.81 14.77 -10.18
N ASN A 231 -25.92 13.81 -11.11
CA ASN A 231 -27.24 13.46 -11.64
C ASN A 231 -27.99 12.73 -10.54
N PRO A 232 -29.18 13.17 -10.16
CA PRO A 232 -29.80 12.64 -8.94
C PRO A 232 -30.12 11.18 -9.02
N VAL A 233 -30.34 10.63 -10.22
CA VAL A 233 -30.58 9.19 -10.35
C VAL A 233 -29.27 8.42 -10.27
N THR A 234 -28.13 9.09 -10.52
CA THR A 234 -26.84 8.46 -10.28
C THR A 234 -26.59 8.34 -8.78
N LEU A 235 -26.84 9.42 -8.04
CA LEU A 235 -26.71 9.37 -6.59
C LEU A 235 -27.54 8.22 -5.99
N ARG A 236 -28.74 7.97 -6.55
CA ARG A 236 -29.61 6.94 -5.97
C ARG A 236 -29.15 5.52 -6.32
N ARG A 237 -28.81 5.25 -7.58
CA ARG A 237 -28.25 3.95 -7.93
C ARG A 237 -26.96 3.67 -7.15
N TRP A 238 -26.03 4.63 -7.16
CA TRP A 238 -24.73 4.44 -6.51
C TRP A 238 -24.89 4.01 -5.07
N LEU A 239 -25.70 4.76 -4.31
CA LEU A 239 -26.01 4.42 -2.92
C LEU A 239 -26.61 3.02 -2.81
N PHE A 240 -27.45 2.63 -3.77
CA PHE A 240 -27.93 1.24 -3.83
C PHE A 240 -26.79 0.25 -4.14
N CYS A 241 -25.79 0.64 -4.94
CA CYS A 241 -24.64 -0.25 -5.05
C CYS A 241 -23.73 -0.18 -3.83
N VAL A 242 -23.60 0.99 -3.19
CA VAL A 242 -22.88 1.05 -1.93
C VAL A 242 -23.58 0.20 -0.87
N HIS A 243 -24.92 0.23 -0.84
CA HIS A 243 -25.64 -0.61 0.12
C HIS A 243 -25.47 -2.09 -0.21
N ASP A 244 -25.57 -2.44 -1.48
CA ASP A 244 -25.51 -3.85 -1.84
C ASP A 244 -24.19 -4.48 -1.43
N ASN A 245 -23.09 -3.73 -1.53
CA ASN A 245 -21.75 -4.26 -1.33
C ASN A 245 -21.28 -4.22 0.13
N TYR A 246 -22.15 -3.89 1.07
CA TYR A 246 -21.86 -4.24 2.44
C TYR A 246 -22.40 -5.64 2.70
N ARG A 247 -21.85 -6.27 3.74
CA ARG A 247 -22.21 -7.64 4.10
C ARG A 247 -23.01 -7.67 5.39
N ASN A 248 -23.75 -8.76 5.56
CA ASN A 248 -24.43 -9.01 6.83
C ASN A 248 -23.39 -9.47 7.86
N ASN A 249 -22.86 -8.53 8.63
CA ASN A 249 -21.99 -8.80 9.77
C ASN A 249 -22.56 -8.15 11.01
N PRO A 250 -22.36 -8.74 12.19
CA PRO A 250 -22.82 -8.08 13.42
C PRO A 250 -22.35 -6.65 13.48
N PHE A 251 -21.06 -6.38 13.38
CA PHE A 251 -20.64 -4.99 13.50
C PHE A 251 -20.58 -4.28 12.15
N HIS A 252 -19.58 -4.57 11.32
CA HIS A 252 -19.39 -3.77 10.09
C HIS A 252 -20.37 -4.27 9.03
N ASN A 253 -21.57 -3.68 9.08
CA ASN A 253 -22.67 -3.89 8.13
C ASN A 253 -23.02 -2.56 7.47
N PHE A 254 -24.20 -2.44 6.85
CA PHE A 254 -24.56 -1.16 6.28
C PHE A 254 -24.96 -0.14 7.36
N ARG A 255 -25.58 -0.57 8.46
CA ARG A 255 -25.96 0.41 9.47
C ARG A 255 -24.75 1.13 10.02
N HIS A 256 -23.62 0.42 10.09
CA HIS A 256 -22.37 1.01 10.53
C HIS A 256 -21.86 2.05 9.54
N CYS A 257 -21.99 1.76 8.25
CA CYS A 257 -21.74 2.75 7.21
C CYS A 257 -22.58 4.01 7.44
N PHE A 258 -23.85 3.83 7.80
CA PHE A 258 -24.74 4.97 8.01
C PHE A 258 -24.28 5.83 9.20
N CYS A 259 -23.93 5.19 10.33
CA CYS A 259 -23.51 5.96 11.50
C CYS A 259 -22.33 6.86 11.19
N VAL A 260 -21.35 6.32 10.48
CA VAL A 260 -20.13 7.06 10.20
C VAL A 260 -20.44 8.27 9.34
N ALA A 261 -21.25 8.08 8.31
CA ALA A 261 -21.55 9.20 7.43
C ALA A 261 -22.52 10.17 8.10
N GLN A 262 -23.47 9.64 8.87
CA GLN A 262 -24.39 10.51 9.59
C GLN A 262 -23.69 11.30 10.69
N MET A 263 -22.67 10.72 11.34
CA MET A 263 -21.89 11.47 12.32
C MET A 263 -20.94 12.46 11.65
N MET A 264 -20.33 12.07 10.52
CA MET A 264 -19.62 13.05 9.71
C MET A 264 -20.55 14.15 9.23
N TYR A 265 -21.77 13.78 8.85
CA TYR A 265 -22.80 14.76 8.59
C TYR A 265 -22.96 15.71 9.77
N SER A 266 -23.28 15.17 10.94
CA SER A 266 -23.45 16.01 12.12
C SER A 266 -22.24 16.91 12.37
N MET A 267 -21.02 16.36 12.25
CA MET A 267 -19.82 17.18 12.45
C MET A 267 -19.85 18.46 11.64
N VAL A 268 -20.23 18.37 10.36
CA VAL A 268 -20.05 19.50 9.46
C VAL A 268 -20.89 20.70 9.93
N TRP A 269 -22.13 20.44 10.32
CA TRP A 269 -22.95 21.49 10.92
C TRP A 269 -22.33 21.97 12.24
N LEU A 270 -22.05 21.03 13.14
CA LEU A 270 -21.55 21.35 14.47
C LEU A 270 -20.30 22.23 14.42
N CYS A 271 -19.29 21.81 13.64
CA CYS A 271 -18.07 22.57 13.55
C CYS A 271 -18.05 23.56 12.39
N SER A 272 -19.19 23.76 11.73
CA SER A 272 -19.30 24.76 10.67
C SER A 272 -18.17 24.56 9.68
N LEU A 273 -17.99 23.30 9.30
CA LEU A 273 -16.87 22.87 8.47
C LEU A 273 -16.89 23.48 7.07
N GLN A 274 -18.02 24.06 6.65
CA GLN A 274 -18.09 24.69 5.32
C GLN A 274 -17.31 26.01 5.29
N GLU A 275 -17.22 26.72 6.41
CA GLU A 275 -16.33 27.89 6.48
C GLU A 275 -14.87 27.49 6.39
N LYS A 276 -14.52 26.30 6.88
CA LYS A 276 -13.14 25.84 6.96
C LYS A 276 -12.72 24.99 5.77
N PHE A 277 -13.58 24.08 5.34
CA PHE A 277 -13.22 23.10 4.33
C PHE A 277 -13.85 23.44 2.99
N SER A 278 -13.10 23.22 1.93
CA SER A 278 -13.64 23.26 0.58
C SER A 278 -14.76 22.23 0.39
N GLN A 279 -15.64 22.51 -0.58
CA GLN A 279 -16.71 21.60 -0.92
C GLN A 279 -16.17 20.28 -1.48
N THR A 280 -15.01 20.31 -2.16
CA THR A 280 -14.38 19.06 -2.55
C THR A 280 -13.95 18.25 -1.34
N ASP A 281 -13.39 18.91 -0.31
CA ASP A 281 -13.12 18.26 0.96
C ASP A 281 -14.40 17.68 1.57
N ILE A 282 -15.46 18.49 1.66
CA ILE A 282 -16.75 17.96 2.09
C ILE A 282 -17.11 16.76 1.24
N LEU A 283 -16.86 16.84 -0.07
CA LEU A 283 -17.12 15.69 -0.91
C LEU A 283 -16.24 14.52 -0.51
N ILE A 284 -15.00 14.81 -0.11
CA ILE A 284 -14.13 13.71 0.27
C ILE A 284 -14.56 13.11 1.61
N LEU A 285 -14.96 13.95 2.58
CA LEU A 285 -15.30 13.42 3.90
C LEU A 285 -16.54 12.54 3.85
N MET A 286 -17.60 13.06 3.23
CA MET A 286 -18.87 12.38 3.19
C MET A 286 -18.80 11.08 2.41
N THR A 287 -18.08 11.07 1.29
CA THR A 287 -18.11 9.87 0.49
C THR A 287 -17.27 8.78 1.11
N ALA A 288 -16.06 9.15 1.57
CA ALA A 288 -15.16 8.15 2.10
C ALA A 288 -15.78 7.48 3.30
N ALA A 289 -16.40 8.28 4.16
CA ALA A 289 -17.16 7.75 5.27
C ALA A 289 -18.15 6.68 4.81
N ILE A 290 -18.88 6.96 3.72
CA ILE A 290 -19.84 6.02 3.22
C ILE A 290 -19.14 4.80 2.66
N CYS A 291 -17.93 4.96 2.12
CA CYS A 291 -17.29 3.87 1.41
C CYS A 291 -16.24 3.10 2.22
N HIS A 292 -15.86 3.58 3.43
CA HIS A 292 -14.63 3.14 4.09
C HIS A 292 -14.63 1.69 4.58
N ASP A 293 -15.77 1.03 4.74
CA ASP A 293 -15.80 -0.38 5.14
C ASP A 293 -16.44 -1.27 4.09
N LEU A 294 -16.38 -0.90 2.82
CA LEU A 294 -17.03 -1.69 1.78
C LEU A 294 -16.55 -3.14 1.79
N ASP A 295 -17.52 -4.06 1.69
CA ASP A 295 -17.23 -5.47 1.54
C ASP A 295 -16.37 -5.96 2.70
N HIS A 296 -16.57 -5.40 3.89
CA HIS A 296 -15.83 -5.85 5.08
C HIS A 296 -16.20 -7.29 5.39
N PRO A 297 -15.24 -8.18 5.57
CA PRO A 297 -15.56 -9.61 5.75
C PRO A 297 -16.03 -10.04 7.15
N GLY A 298 -15.87 -9.22 8.21
CA GLY A 298 -16.18 -9.63 9.57
C GLY A 298 -15.00 -10.23 10.32
N TYR A 299 -13.91 -10.52 9.64
CA TYR A 299 -12.66 -10.92 10.26
C TYR A 299 -11.69 -9.79 10.03
N ASN A 300 -11.01 -9.37 11.09
CA ASN A 300 -10.28 -8.11 10.99
C ASN A 300 -8.89 -8.34 10.38
N ASN A 301 -8.01 -7.36 10.55
CA ASN A 301 -6.80 -7.32 9.76
C ASN A 301 -5.85 -8.41 10.19
N THR A 302 -5.73 -8.65 11.49
CA THR A 302 -4.76 -9.62 11.90
C THR A 302 -5.23 -11.06 11.70
N TYR A 303 -6.50 -11.28 11.36
CA TYR A 303 -6.88 -12.60 10.89
C TYR A 303 -6.47 -12.84 9.43
N GLN A 304 -6.59 -11.82 8.58
CA GLN A 304 -6.26 -12.00 7.18
C GLN A 304 -4.78 -12.33 7.02
N ILE A 305 -3.94 -11.70 7.82
CA ILE A 305 -2.50 -11.94 7.76
C ILE A 305 -2.13 -13.30 8.38
N ASN A 306 -2.67 -13.60 9.56
CA ASN A 306 -2.31 -14.86 10.20
C ASN A 306 -2.82 -16.04 9.39
N ALA A 307 -4.05 -16.00 8.91
CA ALA A 307 -4.57 -17.07 8.06
C ALA A 307 -4.03 -17.04 6.64
N ARG A 308 -3.26 -16.01 6.27
CA ARG A 308 -2.61 -15.91 4.96
C ARG A 308 -3.65 -15.91 3.82
N THR A 309 -4.65 -15.04 3.94
CA THR A 309 -5.79 -15.03 3.04
C THR A 309 -5.48 -14.27 1.75
N GLU A 310 -6.36 -14.48 0.76
CA GLU A 310 -6.27 -13.75 -0.50
C GLU A 310 -6.02 -12.26 -0.29
N LEU A 311 -6.79 -11.63 0.61
CA LEU A 311 -6.67 -10.19 0.78
C LEU A 311 -5.30 -9.82 1.32
N ALA A 312 -4.79 -10.57 2.30
CA ALA A 312 -3.50 -10.23 2.89
C ALA A 312 -2.33 -10.58 1.97
N VAL A 313 -2.51 -11.52 1.04
CA VAL A 313 -1.54 -11.84 0.01
C VAL A 313 -1.68 -10.89 -1.17
N ARG A 314 -2.92 -10.52 -1.51
CA ARG A 314 -3.14 -9.50 -2.50
C ARG A 314 -2.45 -8.19 -2.13
N TYR A 315 -2.39 -7.89 -0.84
CA TYR A 315 -2.10 -6.55 -0.34
C TYR A 315 -0.77 -6.44 0.39
N ASN A 316 -0.04 -7.56 0.54
CA ASN A 316 1.35 -7.63 1.03
C ASN A 316 1.46 -7.33 2.52
N ASP A 317 0.43 -7.73 3.28
CA ASP A 317 0.32 -7.49 4.71
C ASP A 317 0.22 -6.02 5.03
N ILE A 318 -0.09 -5.17 4.05
CA ILE A 318 -0.29 -3.76 4.29
C ILE A 318 -1.78 -3.45 4.18
N SER A 319 -2.38 -3.12 5.33
CA SER A 319 -3.78 -2.81 5.57
C SER A 319 -4.65 -3.55 4.56
N PRO A 320 -4.58 -4.87 4.55
CA PRO A 320 -5.33 -5.64 3.53
C PRO A 320 -6.79 -5.24 3.41
N LEU A 321 -7.45 -5.02 4.55
CA LEU A 321 -8.89 -4.72 4.55
C LEU A 321 -9.19 -3.33 4.03
N GLU A 322 -8.38 -2.33 4.42
CA GLU A 322 -8.66 -0.96 4.06
C GLU A 322 -8.33 -0.68 2.62
N ASN A 323 -7.36 -1.41 2.07
CA ASN A 323 -7.07 -1.34 0.64
C ASN A 323 -8.24 -1.88 -0.17
N HIS A 324 -8.87 -2.96 0.32
CA HIS A 324 -9.98 -3.61 -0.37
C HIS A 324 -11.21 -2.73 -0.36
N HIS A 325 -11.52 -2.13 0.79
CA HIS A 325 -12.62 -1.19 0.89
C HIS A 325 -12.51 -0.12 -0.18
N CYS A 326 -11.36 0.56 -0.22
CA CYS A 326 -11.14 1.62 -1.19
C CYS A 326 -11.13 1.10 -2.61
N ALA A 327 -10.79 -0.17 -2.79
CA ALA A 327 -10.90 -0.75 -4.12
C ALA A 327 -12.37 -0.87 -4.52
N VAL A 328 -13.14 -1.62 -3.72
CA VAL A 328 -14.55 -1.82 -4.04
C VAL A 328 -15.25 -0.49 -4.19
N ALA A 329 -14.78 0.53 -3.46
CA ALA A 329 -15.38 1.85 -3.62
C ALA A 329 -15.26 2.31 -5.06
N PHE A 330 -14.07 2.18 -5.64
CA PHE A 330 -13.83 2.71 -6.96
C PHE A 330 -14.16 1.73 -8.08
N GLN A 331 -14.34 0.44 -7.78
CA GLN A 331 -14.88 -0.46 -8.80
C GLN A 331 -16.34 -0.16 -9.06
N ILE A 332 -17.10 0.09 -8.01
CA ILE A 332 -18.44 0.63 -8.15
C ILE A 332 -18.41 1.94 -8.93
N LEU A 333 -17.62 2.92 -8.45
CA LEU A 333 -17.51 4.21 -9.13
C LEU A 333 -17.08 4.09 -10.58
N ALA A 334 -16.41 3.00 -10.94
CA ALA A 334 -15.99 2.73 -12.31
C ALA A 334 -17.05 2.00 -13.12
N GLU A 335 -18.20 1.68 -12.53
CA GLU A 335 -19.32 1.24 -13.35
C GLU A 335 -20.20 2.46 -13.59
N PRO A 336 -20.33 2.92 -14.84
CA PRO A 336 -20.90 4.29 -15.10
C PRO A 336 -22.22 4.60 -14.38
N GLU A 337 -23.15 3.65 -14.29
CA GLU A 337 -24.43 3.91 -13.67
C GLU A 337 -24.27 4.42 -12.25
N CYS A 338 -23.30 3.91 -11.51
CA CYS A 338 -23.15 4.28 -10.11
C CYS A 338 -22.13 5.38 -9.92
N ASN A 339 -21.75 6.04 -10.99
CA ASN A 339 -20.61 6.95 -10.94
C ASN A 339 -21.08 8.35 -10.56
N ILE A 340 -21.28 8.56 -9.26
CA ILE A 340 -21.68 9.88 -8.78
C ILE A 340 -20.66 10.95 -9.14
N PHE A 341 -19.70 10.62 -9.97
CA PHE A 341 -18.59 11.52 -10.23
C PHE A 341 -18.53 11.96 -11.69
N SER A 342 -19.44 11.48 -12.54
CA SER A 342 -19.26 11.47 -13.98
C SER A 342 -19.29 12.85 -14.64
N ASN A 343 -19.57 13.92 -13.90
CA ASN A 343 -19.52 15.30 -14.42
C ASN A 343 -18.28 16.07 -13.98
N ILE A 344 -17.37 15.43 -13.26
CA ILE A 344 -16.26 16.13 -12.61
C ILE A 344 -15.03 16.06 -13.51
N PRO A 345 -14.32 17.17 -13.72
CA PRO A 345 -13.15 17.15 -14.60
C PRO A 345 -12.07 16.25 -14.08
N PRO A 346 -11.23 15.67 -14.95
CA PRO A 346 -10.28 14.64 -14.50
C PRO A 346 -9.33 15.13 -13.44
N ASP A 347 -8.77 16.33 -13.57
CA ASP A 347 -7.93 16.85 -12.49
C ASP A 347 -8.69 16.85 -11.15
N GLY A 348 -10.03 16.98 -11.21
CA GLY A 348 -10.92 16.97 -10.05
C GLY A 348 -11.15 15.58 -9.48
N PHE A 349 -11.30 14.59 -10.37
CA PHE A 349 -11.36 13.21 -9.91
C PHE A 349 -10.09 12.83 -9.14
N LYS A 350 -8.92 13.00 -9.78
CA LYS A 350 -7.64 12.84 -9.11
C LYS A 350 -7.69 13.33 -7.68
N GLN A 351 -8.11 14.59 -7.51
CA GLN A 351 -8.09 15.26 -6.21
C GLN A 351 -9.02 14.59 -5.20
N ILE A 352 -10.19 14.15 -5.66
CA ILE A 352 -11.13 13.42 -4.82
C ILE A 352 -10.59 12.02 -4.52
N ARG A 353 -10.23 11.28 -5.57
CA ARG A 353 -9.80 9.89 -5.39
C ARG A 353 -8.63 9.80 -4.40
N GLN A 354 -7.73 10.77 -4.43
CA GLN A 354 -6.57 10.75 -3.56
C GLN A 354 -6.94 11.11 -2.13
N GLY A 355 -7.80 12.13 -1.96
CA GLY A 355 -8.37 12.39 -0.64
C GLY A 355 -9.06 11.18 -0.07
N MET A 356 -9.91 10.54 -0.86
CA MET A 356 -10.68 9.40 -0.38
C MET A 356 -9.77 8.26 0.02
N ILE A 357 -8.70 8.04 -0.74
CA ILE A 357 -7.78 6.95 -0.44
C ILE A 357 -7.13 7.18 0.91
N THR A 358 -6.61 8.39 1.10
CA THR A 358 -6.01 8.77 2.37
C THR A 358 -6.99 8.60 3.53
N LEU A 359 -8.23 9.02 3.36
CA LEU A 359 -9.17 8.93 4.47
C LEU A 359 -9.46 7.47 4.82
N ILE A 360 -9.82 6.68 3.82
CA ILE A 360 -10.16 5.27 4.05
C ILE A 360 -8.95 4.52 4.61
N LEU A 361 -7.76 4.81 4.09
CA LEU A 361 -6.61 4.07 4.58
C LEU A 361 -6.19 4.52 5.98
N ALA A 362 -6.78 5.58 6.50
CA ALA A 362 -6.38 6.01 7.83
C ALA A 362 -7.27 5.43 8.93
N THR A 363 -8.38 4.82 8.58
CA THR A 363 -9.23 4.31 9.63
C THR A 363 -8.74 2.98 10.16
N ASP A 364 -7.65 2.44 9.60
CA ASP A 364 -7.00 1.25 10.16
C ASP A 364 -6.39 1.58 11.52
N MET A 365 -6.90 0.94 12.57
CA MET A 365 -6.46 1.24 13.93
C MET A 365 -5.03 0.84 14.21
N ALA A 366 -4.33 0.25 13.23
CA ALA A 366 -2.93 -0.04 13.41
C ALA A 366 -2.06 1.19 13.22
N ARG A 367 -2.66 2.28 12.73
CA ARG A 367 -2.00 3.57 12.53
C ARG A 367 -2.58 4.67 13.42
N HIS A 368 -3.34 4.31 14.46
CA HIS A 368 -3.92 5.31 15.35
C HIS A 368 -2.85 6.24 15.92
N ALA A 369 -1.82 5.69 16.56
CA ALA A 369 -0.88 6.52 17.29
C ALA A 369 -0.07 7.39 16.35
N GLU A 370 0.39 6.82 15.25
CA GLU A 370 1.18 7.60 14.29
C GLU A 370 0.40 8.78 13.74
N ILE A 371 -0.91 8.63 13.53
CA ILE A 371 -1.67 9.73 12.94
C ILE A 371 -1.91 10.82 13.97
N MET A 372 -2.52 10.46 15.10
CA MET A 372 -2.63 11.32 16.26
C MET A 372 -1.36 12.11 16.58
N ASP A 373 -0.19 11.45 16.48
CA ASP A 373 1.06 12.10 16.85
C ASP A 373 1.47 13.16 15.84
N SER A 374 1.28 12.87 14.55
CA SER A 374 1.52 13.90 13.55
C SER A 374 0.47 15.00 13.60
N PHE A 375 -0.78 14.66 14.00
CA PHE A 375 -1.80 15.70 14.12
C PHE A 375 -1.48 16.68 15.26
N LYS A 376 -1.01 16.17 16.40
CA LYS A 376 -0.55 17.10 17.42
C LYS A 376 0.78 17.74 17.03
N GLU A 377 1.53 17.12 16.10
CA GLU A 377 2.73 17.76 15.58
C GLU A 377 2.41 18.95 14.71
N LYS A 378 1.16 19.09 14.26
CA LYS A 378 0.73 20.28 13.55
C LYS A 378 -0.20 21.15 14.38
N MET A 379 -0.76 20.61 15.48
CA MET A 379 -1.65 21.38 16.34
C MET A 379 -0.90 22.34 17.23
N GLU A 380 0.36 22.02 17.57
CA GLU A 380 1.33 22.92 18.18
C GLU A 380 1.28 24.32 17.55
N ASN A 381 0.83 24.39 16.30
CA ASN A 381 0.48 25.64 15.63
C ASN A 381 -0.26 25.35 14.33
N PHE A 382 -1.59 25.22 14.40
CA PHE A 382 -2.41 24.78 13.28
C PHE A 382 -2.70 25.93 12.32
N ASP A 383 -2.78 25.59 11.02
CA ASP A 383 -2.79 26.58 9.94
C ASP A 383 -3.72 26.08 8.83
N TYR A 384 -4.88 26.70 8.71
CA TYR A 384 -5.93 26.17 7.84
C TYR A 384 -5.65 26.37 6.36
N SER A 385 -4.65 27.14 5.99
CA SER A 385 -4.28 27.29 4.58
C SER A 385 -3.26 26.24 4.14
N ASN A 386 -2.84 25.36 5.05
CA ASN A 386 -1.77 24.40 4.81
C ASN A 386 -2.38 23.07 4.41
N GLU A 387 -2.08 22.63 3.19
CA GLU A 387 -2.64 21.39 2.67
C GLU A 387 -2.27 20.16 3.50
N GLU A 388 -1.21 20.21 4.30
CA GLU A 388 -0.82 19.06 5.10
C GLU A 388 -1.45 19.10 6.48
N HIS A 389 -1.68 20.31 7.02
CA HIS A 389 -2.48 20.43 8.25
C HIS A 389 -3.92 20.03 7.98
N MET A 390 -4.45 20.36 6.80
CA MET A 390 -5.83 20.02 6.52
C MET A 390 -5.99 18.54 6.26
N THR A 391 -5.00 17.89 5.63
CA THR A 391 -5.19 16.47 5.32
C THR A 391 -5.21 15.63 6.59
N LEU A 392 -4.39 16.02 7.58
CA LEU A 392 -4.42 15.36 8.88
C LEU A 392 -5.71 15.66 9.64
N LEU A 393 -6.31 16.83 9.42
CA LEU A 393 -7.60 17.10 10.04
C LEU A 393 -8.72 16.24 9.45
N LYS A 394 -8.65 15.94 8.14
CA LYS A 394 -9.67 15.08 7.54
C LYS A 394 -9.52 13.63 8.00
N MET A 395 -8.28 13.17 8.19
CA MET A 395 -8.07 11.83 8.73
C MET A 395 -8.55 11.73 10.17
N ILE A 396 -8.18 12.70 11.02
CA ILE A 396 -8.75 12.77 12.36
C ILE A 396 -10.27 12.86 12.31
N LEU A 397 -10.80 13.57 11.32
CA LEU A 397 -12.24 13.70 11.24
C LEU A 397 -12.89 12.35 10.96
N ILE A 398 -12.36 11.60 9.97
CA ILE A 398 -13.05 10.37 9.57
C ILE A 398 -12.85 9.29 10.61
N LYS A 399 -11.68 9.26 11.26
CA LYS A 399 -11.50 8.30 12.33
C LYS A 399 -12.52 8.55 13.43
N CYS A 400 -12.69 9.83 13.81
CA CYS A 400 -13.66 10.22 14.83
C CYS A 400 -15.03 9.66 14.52
N CYS A 401 -15.52 9.95 13.32
CA CYS A 401 -16.86 9.50 12.94
C CYS A 401 -16.96 7.98 12.90
N ASP A 402 -15.84 7.29 12.60
CA ASP A 402 -15.80 5.84 12.49
C ASP A 402 -15.82 5.10 13.84
N ILE A 403 -15.21 5.66 14.90
CA ILE A 403 -15.34 5.05 16.23
C ILE A 403 -16.24 5.89 17.12
N SER A 404 -17.23 6.57 16.55
CA SER A 404 -18.07 7.51 17.27
C SER A 404 -19.32 6.90 17.92
N ASN A 405 -19.45 5.57 17.96
CA ASN A 405 -20.66 4.94 18.51
C ASN A 405 -20.97 5.36 19.95
N GLU A 406 -19.96 5.67 20.77
CA GLU A 406 -20.25 5.99 22.19
C GLU A 406 -20.66 7.45 22.39
N VAL A 407 -20.24 8.34 21.49
CA VAL A 407 -20.66 9.74 21.50
C VAL A 407 -22.18 9.83 21.44
N ARG A 408 -22.80 8.90 20.73
CA ARG A 408 -24.24 8.82 20.67
C ARG A 408 -24.82 8.63 22.07
N PRO A 409 -26.09 8.98 22.28
CA PRO A 409 -26.70 8.77 23.60
C PRO A 409 -26.71 7.29 23.95
N MET A 410 -26.97 7.00 25.23
CA MET A 410 -26.73 5.66 25.76
C MET A 410 -27.59 4.63 25.06
N GLU A 411 -28.84 4.97 24.76
CA GLU A 411 -29.78 4.00 24.20
C GLU A 411 -29.35 3.56 22.80
N VAL A 412 -28.77 4.48 22.03
CA VAL A 412 -28.29 4.18 20.68
C VAL A 412 -26.97 3.43 20.75
N ALA A 413 -26.04 3.94 21.56
CA ALA A 413 -24.70 3.39 21.63
C ALA A 413 -24.70 1.95 22.08
N GLU A 414 -25.48 1.62 23.12
CA GLU A 414 -25.24 0.38 23.84
C GLU A 414 -25.42 -0.88 23.00
N PRO A 415 -26.49 -1.06 22.22
CA PRO A 415 -26.60 -2.31 21.43
C PRO A 415 -25.45 -2.51 20.44
N TRP A 416 -24.81 -1.42 20.00
CA TRP A 416 -23.65 -1.55 19.11
C TRP A 416 -22.46 -2.23 19.78
N VAL A 417 -22.41 -2.31 21.10
CA VAL A 417 -21.36 -3.07 21.76
C VAL A 417 -21.53 -4.56 21.48
N ASP A 418 -22.77 -5.06 21.57
CA ASP A 418 -23.03 -6.48 21.37
C ASP A 418 -22.78 -6.90 19.93
N CYS A 419 -23.09 -6.03 18.99
CA CYS A 419 -22.72 -6.29 17.62
C CYS A 419 -21.21 -6.46 17.50
N LEU A 420 -20.46 -5.56 18.13
CA LEU A 420 -19.01 -5.65 18.08
C LEU A 420 -18.52 -6.95 18.71
N LEU A 421 -18.99 -7.28 19.90
CA LEU A 421 -18.51 -8.51 20.52
C LEU A 421 -18.99 -9.72 19.75
N GLU A 422 -20.24 -9.70 19.26
CA GLU A 422 -20.71 -10.83 18.46
C GLU A 422 -19.76 -11.07 17.31
N GLU A 423 -19.33 -9.99 16.65
CA GLU A 423 -18.36 -10.11 15.58
C GLU A 423 -16.99 -10.56 16.09
N TYR A 424 -16.53 -10.03 17.23
CA TYR A 424 -15.18 -10.37 17.69
C TYR A 424 -15.11 -11.83 18.16
N PHE A 425 -16.13 -12.30 18.88
CA PHE A 425 -16.20 -13.71 19.25
C PHE A 425 -16.20 -14.60 18.02
N MET A 426 -16.80 -14.13 16.92
CA MET A 426 -16.87 -14.88 15.68
C MET A 426 -15.48 -15.14 15.10
N GLN A 427 -14.60 -14.15 15.17
CA GLN A 427 -13.24 -14.37 14.71
C GLN A 427 -12.43 -15.19 15.71
N SER A 428 -12.48 -14.80 16.99
CA SER A 428 -11.80 -15.57 18.03
C SER A 428 -12.35 -17.00 18.14
N ASP A 429 -13.66 -17.19 17.94
CA ASP A 429 -14.15 -18.56 17.78
C ASP A 429 -13.43 -19.26 16.64
N ARG A 430 -13.42 -18.63 15.45
CA ARG A 430 -12.77 -19.26 14.30
C ARG A 430 -11.27 -19.37 14.47
N GLU A 431 -10.63 -18.41 15.15
CA GLU A 431 -9.18 -18.46 15.24
C GLU A 431 -8.73 -19.72 15.97
N LYS A 432 -9.48 -20.09 17.01
CA LYS A 432 -9.12 -21.26 17.80
C LYS A 432 -9.35 -22.56 17.04
N SER A 433 -10.47 -22.68 16.34
CA SER A 433 -10.72 -23.90 15.56
C SER A 433 -9.56 -24.21 14.60
N GLU A 434 -8.93 -23.18 14.05
CA GLU A 434 -7.82 -23.37 13.13
C GLU A 434 -6.46 -23.31 13.81
N GLY A 435 -6.42 -22.93 15.08
CA GLY A 435 -5.16 -22.87 15.78
C GLY A 435 -4.39 -21.59 15.59
N LEU A 436 -4.98 -20.59 14.95
CA LEU A 436 -4.39 -19.27 14.88
C LEU A 436 -4.39 -18.65 16.27
N PRO A 437 -3.54 -17.66 16.52
CA PRO A 437 -3.58 -16.94 17.79
C PRO A 437 -4.88 -16.16 17.92
N VAL A 438 -5.13 -15.70 19.14
CA VAL A 438 -6.32 -14.92 19.43
C VAL A 438 -5.91 -13.70 20.26
N ALA A 439 -6.63 -12.63 20.06
CA ALA A 439 -6.41 -11.38 20.79
C ALA A 439 -7.27 -11.37 22.05
N PRO A 440 -6.70 -11.01 23.22
CA PRO A 440 -7.48 -11.13 24.48
C PRO A 440 -8.73 -10.26 24.50
N PHE A 441 -8.66 -9.06 23.91
CA PHE A 441 -9.86 -8.25 23.83
C PHE A 441 -10.92 -8.89 22.94
N MET A 442 -10.58 -9.88 22.12
CA MET A 442 -11.59 -10.54 21.31
C MET A 442 -12.05 -11.87 21.88
N ASP A 443 -11.26 -12.49 22.77
CA ASP A 443 -11.59 -13.79 23.35
C ASP A 443 -12.83 -13.70 24.24
N ARG A 444 -13.77 -14.64 24.06
CA ARG A 444 -14.96 -14.59 24.89
C ARG A 444 -14.70 -15.15 26.29
N ASP A 445 -13.58 -15.88 26.50
CA ASP A 445 -13.21 -16.30 27.84
C ASP A 445 -12.67 -15.15 28.68
N LYS A 446 -12.57 -13.95 28.10
CA LYS A 446 -11.90 -12.85 28.75
C LYS A 446 -12.73 -11.57 28.75
N VAL A 447 -13.53 -11.36 27.73
CA VAL A 447 -14.12 -10.03 27.53
C VAL A 447 -15.48 -9.95 28.22
N THR A 448 -15.67 -8.86 28.96
CA THR A 448 -16.99 -8.44 29.41
C THR A 448 -17.28 -7.09 28.76
N LYS A 449 -18.57 -6.74 28.71
CA LYS A 449 -18.98 -5.52 28.01
C LYS A 449 -18.25 -4.28 28.52
N ALA A 450 -17.82 -4.29 29.78
CA ALA A 450 -17.29 -3.09 30.42
C ALA A 450 -15.81 -2.91 30.13
N THR A 451 -14.99 -3.93 30.39
CA THR A 451 -13.62 -3.88 29.89
C THR A 451 -13.59 -3.59 28.41
N ALA A 452 -14.63 -4.01 27.69
CA ALA A 452 -14.69 -3.81 26.25
C ALA A 452 -14.65 -2.32 25.90
N GLN A 453 -15.30 -1.47 26.72
CA GLN A 453 -15.39 -0.05 26.41
C GLN A 453 -14.58 0.87 27.33
N ILE A 454 -14.23 0.44 28.55
CA ILE A 454 -13.55 1.38 29.44
C ILE A 454 -12.26 1.87 28.81
N GLY A 455 -11.32 0.97 28.58
CA GLY A 455 -10.03 1.38 28.05
C GLY A 455 -10.15 2.09 26.72
N PHE A 456 -11.03 1.59 25.85
CA PHE A 456 -11.20 2.18 24.52
C PHE A 456 -11.66 3.63 24.60
N ILE A 457 -12.69 3.91 25.41
CA ILE A 457 -13.16 5.28 25.60
C ILE A 457 -12.07 6.15 26.23
N LYS A 458 -11.39 5.61 27.26
CA LYS A 458 -10.48 6.43 28.04
C LYS A 458 -9.22 6.83 27.26
N PHE A 459 -8.70 5.97 26.37
CA PHE A 459 -7.42 6.24 25.73
C PHE A 459 -7.46 6.28 24.19
N VAL A 460 -8.65 6.22 23.57
CA VAL A 460 -8.76 6.47 22.13
C VAL A 460 -9.78 7.57 21.87
N LEU A 461 -11.04 7.34 22.29
CA LEU A 461 -12.14 8.27 22.00
C LEU A 461 -11.91 9.64 22.61
N ILE A 462 -11.90 9.71 23.94
CA ILE A 462 -11.74 10.99 24.63
C ILE A 462 -10.46 11.72 24.19
N PRO A 463 -9.28 11.11 24.20
CA PRO A 463 -8.07 11.87 23.85
C PRO A 463 -8.06 12.41 22.44
N MET A 464 -8.71 11.69 21.50
CA MET A 464 -8.85 12.17 20.14
C MET A 464 -9.80 13.36 20.10
N PHE A 465 -11.05 13.14 20.51
CA PHE A 465 -12.01 14.22 20.63
C PHE A 465 -11.51 15.36 21.51
N GLU A 466 -10.54 15.10 22.39
CA GLU A 466 -9.93 16.22 23.10
C GLU A 466 -9.13 17.10 22.16
N THR A 467 -8.44 16.49 21.18
CA THR A 467 -7.62 17.28 20.26
C THR A 467 -8.50 18.13 19.34
N VAL A 468 -9.52 17.52 18.73
CA VAL A 468 -10.48 18.23 17.90
C VAL A 468 -11.10 19.40 18.67
N THR A 469 -11.34 19.23 19.97
CA THR A 469 -11.93 20.30 20.75
C THR A 469 -11.05 21.54 20.73
N LYS A 470 -9.74 21.38 20.55
CA LYS A 470 -8.89 22.55 20.47
C LYS A 470 -9.18 23.34 19.20
N LEU A 471 -9.57 22.66 18.12
CA LEU A 471 -9.90 23.36 16.88
C LEU A 471 -11.33 23.86 16.88
N PHE A 472 -12.27 23.08 17.42
CA PHE A 472 -13.69 23.39 17.41
C PHE A 472 -14.23 23.21 18.82
N PRO A 473 -14.25 24.28 19.62
CA PRO A 473 -14.54 24.12 21.04
C PRO A 473 -15.95 23.63 21.33
N MET A 474 -16.86 23.69 20.37
CA MET A 474 -18.20 23.19 20.58
C MET A 474 -18.23 21.68 20.81
N VAL A 475 -17.19 20.97 20.37
CA VAL A 475 -17.16 19.51 20.45
C VAL A 475 -17.15 19.02 21.88
N GLU A 476 -16.49 19.79 22.77
CA GLU A 476 -16.42 19.39 24.17
C GLU A 476 -17.81 19.27 24.76
N GLU A 477 -18.70 20.20 24.46
CA GLU A 477 -20.05 20.13 24.98
C GLU A 477 -20.78 18.93 24.42
N ILE A 478 -20.78 18.79 23.09
CA ILE A 478 -21.71 17.89 22.44
C ILE A 478 -21.21 16.45 22.43
N MET A 479 -19.91 16.23 22.37
CA MET A 479 -19.42 14.88 22.19
C MET A 479 -18.58 14.40 23.35
N LEU A 480 -17.71 15.25 23.87
CA LEU A 480 -16.92 14.89 25.05
C LEU A 480 -17.79 14.54 26.25
N GLN A 481 -18.90 15.26 26.43
CA GLN A 481 -19.80 15.04 27.56
C GLN A 481 -20.51 13.68 27.47
N PRO A 482 -21.06 13.26 26.33
CA PRO A 482 -21.50 11.86 26.28
C PRO A 482 -20.38 10.87 26.56
N LEU A 483 -19.18 11.10 26.02
CA LEU A 483 -18.07 10.16 26.22
C LEU A 483 -17.72 10.02 27.69
N TRP A 484 -17.61 11.15 28.41
CA TRP A 484 -17.39 11.12 29.84
C TRP A 484 -18.43 10.26 30.55
N GLU A 485 -19.73 10.48 30.24
CA GLU A 485 -20.80 9.84 30.98
C GLU A 485 -20.82 8.34 30.73
N SER A 486 -20.71 7.94 29.48
CA SER A 486 -20.52 6.53 29.20
C SER A 486 -19.34 5.97 29.98
N ARG A 487 -18.26 6.75 30.10
CA ARG A 487 -17.08 6.29 30.81
C ARG A 487 -17.37 6.00 32.29
N ASP A 488 -17.78 7.01 33.06
CA ASP A 488 -18.11 6.79 34.47
C ASP A 488 -19.01 5.60 34.65
N ARG A 489 -20.04 5.51 33.82
CA ARG A 489 -20.99 4.42 33.88
C ARG A 489 -20.31 3.07 33.71
N TYR A 490 -19.54 2.91 32.61
CA TYR A 490 -18.88 1.64 32.30
C TYR A 490 -17.78 1.28 33.32
N GLU A 491 -17.10 2.26 33.92
CA GLU A 491 -16.26 1.91 35.06
C GLU A 491 -17.10 1.36 36.20
N GLU A 492 -18.34 1.87 36.35
CA GLU A 492 -19.17 1.48 37.48
C GLU A 492 -19.73 0.09 37.27
N LEU A 493 -20.32 -0.17 36.10
CA LEU A 493 -20.70 -1.53 35.74
C LEU A 493 -19.58 -2.53 36.02
N LYS A 494 -18.32 -2.13 35.76
CA LYS A 494 -17.22 -3.05 36.02
C LYS A 494 -17.05 -3.27 37.52
N ARG A 495 -17.10 -2.18 38.29
CA ARG A 495 -17.08 -2.31 39.73
C ARG A 495 -18.27 -3.13 40.27
N ILE A 496 -19.30 -3.38 39.46
CA ILE A 496 -20.38 -4.26 39.88
C ILE A 496 -20.01 -5.73 39.65
N ASP A 497 -19.53 -6.04 38.45
CA ASP A 497 -19.25 -7.43 38.07
C ASP A 497 -18.10 -8.01 38.87
N ASP A 498 -17.06 -7.20 39.12
CA ASP A 498 -15.96 -7.62 39.98
C ASP A 498 -16.49 -8.13 41.31
N ALA A 499 -17.52 -7.48 41.83
CA ALA A 499 -18.09 -7.88 43.10
C ALA A 499 -18.89 -9.15 42.95
N MET A 500 -19.70 -9.25 41.89
CA MET A 500 -20.41 -10.49 41.61
C MET A 500 -19.44 -11.66 41.56
N LYS A 501 -18.26 -11.44 40.95
CA LYS A 501 -17.28 -12.52 40.90
C LYS A 501 -16.78 -12.88 42.29
N GLU A 502 -16.83 -11.95 43.26
CA GLU A 502 -16.76 -12.29 44.70
C GLU A 502 -18.10 -12.88 45.19
N LEU B 187 23.00 -27.98 -18.80
CA LEU B 187 24.39 -28.39 -18.59
C LEU B 187 25.40 -27.26 -18.80
N LEU B 188 25.93 -26.75 -17.69
CA LEU B 188 26.81 -25.59 -17.68
C LEU B 188 28.27 -26.04 -17.61
N SER B 189 29.15 -25.24 -18.17
CA SER B 189 30.58 -25.55 -18.12
C SER B 189 31.17 -25.01 -16.84
N PRO B 190 32.39 -25.42 -16.49
CA PRO B 190 33.04 -24.79 -15.32
C PRO B 190 33.42 -23.34 -15.55
N GLU B 191 33.73 -22.95 -16.79
CA GLU B 191 34.15 -21.58 -17.04
C GLU B 191 32.97 -20.63 -16.97
N THR B 192 31.82 -21.09 -17.47
CA THR B 192 30.58 -20.34 -17.31
C THR B 192 30.25 -20.11 -15.85
N ILE B 193 30.17 -21.20 -15.08
CA ILE B 193 29.94 -21.14 -13.64
C ILE B 193 30.77 -20.01 -13.04
N GLU B 194 32.09 -20.03 -13.31
CA GLU B 194 33.00 -19.02 -12.77
C GLU B 194 32.61 -17.62 -13.23
N ALA B 195 32.43 -17.46 -14.55
CA ALA B 195 32.10 -16.15 -15.11
C ALA B 195 30.75 -15.63 -14.60
N LEU B 196 29.87 -16.52 -14.18
CA LEU B 196 28.56 -16.15 -13.64
C LEU B 196 28.67 -15.23 -12.42
N ARG B 197 29.88 -15.13 -11.84
CA ARG B 197 30.14 -14.41 -10.59
C ARG B 197 30.50 -12.95 -10.80
N LYS B 198 30.82 -12.54 -12.02
CA LYS B 198 31.28 -11.17 -12.24
C LYS B 198 30.30 -10.39 -13.12
N PRO B 199 30.19 -9.07 -12.93
CA PRO B 199 29.29 -8.28 -13.78
C PRO B 199 29.66 -8.29 -15.26
N THR B 200 30.86 -8.78 -15.60
CA THR B 200 31.22 -8.91 -17.01
C THR B 200 30.47 -10.08 -17.68
N PHE B 201 29.75 -10.91 -16.91
CA PHE B 201 29.08 -12.06 -17.49
C PHE B 201 28.15 -11.64 -18.62
N ASP B 202 28.14 -12.41 -19.70
CA ASP B 202 27.47 -12.04 -20.93
C ASP B 202 26.11 -12.73 -20.97
N VAL B 203 25.06 -11.93 -20.79
CA VAL B 203 23.75 -12.43 -20.43
C VAL B 203 22.93 -12.87 -21.62
N TRP B 204 23.27 -12.41 -22.83
CA TRP B 204 22.56 -12.77 -24.05
C TRP B 204 23.05 -14.06 -24.68
N LEU B 205 23.85 -14.87 -23.98
CA LEU B 205 24.31 -16.13 -24.57
C LEU B 205 23.32 -17.27 -24.37
N TRP B 206 22.38 -17.15 -23.43
CA TRP B 206 21.74 -18.30 -22.81
C TRP B 206 20.22 -18.27 -22.98
N GLU B 207 19.66 -19.38 -23.42
CA GLU B 207 18.23 -19.50 -23.48
C GLU B 207 17.68 -19.68 -22.07
N PRO B 208 16.37 -19.63 -21.91
CA PRO B 208 15.79 -19.86 -20.58
C PRO B 208 16.32 -21.09 -19.85
N ASN B 209 16.40 -22.24 -20.53
CA ASN B 209 16.88 -23.49 -19.91
C ASN B 209 18.14 -23.28 -19.08
N GLU B 210 19.08 -22.47 -19.57
CA GLU B 210 20.41 -22.29 -19.02
C GLU B 210 20.46 -21.25 -17.91
N MET B 211 19.78 -20.11 -18.13
CA MET B 211 19.68 -19.11 -17.08
C MET B 211 19.00 -19.68 -15.82
N LEU B 212 18.03 -20.58 -16.01
CA LEU B 212 17.41 -21.24 -14.87
C LEU B 212 18.42 -22.06 -14.08
N SER B 213 19.37 -22.69 -14.77
CA SER B 213 20.40 -23.46 -14.10
C SER B 213 21.40 -22.53 -13.42
N CYS B 214 21.66 -21.36 -14.01
CA CYS B 214 22.50 -20.39 -13.33
C CYS B 214 21.84 -19.89 -12.05
N LEU B 215 20.53 -19.62 -12.12
CA LEU B 215 19.77 -19.18 -10.95
C LEU B 215 19.86 -20.21 -9.84
N GLU B 216 19.51 -21.45 -10.16
CA GLU B 216 19.61 -22.54 -9.19
C GLU B 216 21.02 -22.70 -8.66
N HIS B 217 22.02 -22.69 -9.54
CA HIS B 217 23.37 -22.89 -9.09
C HIS B 217 23.76 -21.86 -8.03
N MET B 218 23.24 -20.62 -8.15
CA MET B 218 23.51 -19.59 -7.16
C MET B 218 22.96 -19.96 -5.79
N TYR B 219 21.73 -20.52 -5.76
CA TYR B 219 21.09 -20.90 -4.51
C TYR B 219 21.87 -21.99 -3.80
N HIS B 220 22.49 -22.89 -4.57
CA HIS B 220 23.39 -23.87 -3.98
C HIS B 220 24.67 -23.21 -3.52
N ASP B 221 25.31 -22.44 -4.39
CA ASP B 221 26.62 -21.85 -4.11
C ASP B 221 26.59 -20.86 -2.95
N LEU B 222 25.42 -20.34 -2.56
CA LEU B 222 25.37 -19.40 -1.43
C LEU B 222 24.98 -20.08 -0.11
N GLY B 223 24.73 -21.40 -0.12
CA GLY B 223 24.31 -22.12 1.08
C GLY B 223 22.88 -21.88 1.49
N LEU B 224 22.15 -21.04 0.76
CA LEU B 224 20.72 -20.91 0.96
C LEU B 224 20.02 -22.26 0.90
N VAL B 225 20.45 -23.11 -0.03
CA VAL B 225 19.89 -24.46 -0.16
C VAL B 225 20.10 -25.26 1.13
N ARG B 226 21.32 -25.24 1.64
CA ARG B 226 21.71 -26.05 2.78
C ARG B 226 21.23 -25.44 4.09
N ASP B 227 21.41 -24.12 4.24
CA ASP B 227 21.03 -23.41 5.47
C ASP B 227 19.52 -23.17 5.59
N PHE B 228 18.72 -23.46 4.58
CA PHE B 228 17.29 -23.24 4.75
C PHE B 228 16.47 -24.49 4.42
N SER B 229 17.13 -25.66 4.31
CA SER B 229 16.48 -26.95 4.04
C SER B 229 15.65 -26.90 2.75
N ILE B 230 16.11 -26.15 1.75
CA ILE B 230 15.35 -26.05 0.52
C ILE B 230 15.46 -27.40 -0.19
N ASN B 231 14.33 -28.02 -0.44
CA ASN B 231 14.32 -29.21 -1.25
C ASN B 231 14.93 -28.87 -2.60
N PRO B 232 16.04 -29.51 -3.01
CA PRO B 232 16.70 -29.12 -4.26
C PRO B 232 15.86 -29.31 -5.51
N VAL B 233 14.74 -30.03 -5.46
CA VAL B 233 13.87 -30.15 -6.62
C VAL B 233 12.83 -29.04 -6.65
N THR B 234 12.27 -28.72 -5.47
CA THR B 234 11.38 -27.58 -5.26
C THR B 234 12.02 -26.38 -5.94
N LEU B 235 13.33 -26.18 -5.73
CA LEU B 235 14.01 -25.03 -6.29
C LEU B 235 14.00 -25.06 -7.81
N ARG B 236 14.08 -26.24 -8.43
CA ARG B 236 14.04 -26.32 -9.89
C ARG B 236 12.66 -26.00 -10.43
N ARG B 237 11.62 -26.44 -9.73
CA ARG B 237 10.25 -26.16 -10.15
C ARG B 237 9.86 -24.73 -9.85
N TRP B 238 10.27 -24.22 -8.68
CA TRP B 238 9.96 -22.82 -8.33
C TRP B 238 10.63 -21.86 -9.32
N LEU B 239 11.93 -22.06 -9.57
CA LEU B 239 12.60 -21.26 -10.58
C LEU B 239 11.90 -21.38 -11.92
N PHE B 240 11.46 -22.59 -12.26
CA PHE B 240 10.70 -22.83 -13.48
C PHE B 240 9.38 -22.09 -13.44
N CYS B 241 8.69 -22.13 -12.30
CA CYS B 241 7.40 -21.46 -12.26
C CYS B 241 7.55 -19.95 -12.20
N VAL B 242 8.72 -19.45 -11.83
CA VAL B 242 8.96 -18.01 -11.89
C VAL B 242 9.08 -17.57 -13.33
N HIS B 243 9.90 -18.29 -14.10
CA HIS B 243 10.00 -18.04 -15.53
C HIS B 243 8.62 -18.04 -16.18
N ASP B 244 7.80 -19.03 -15.84
CA ASP B 244 6.50 -19.15 -16.48
C ASP B 244 5.57 -17.98 -16.17
N ASN B 245 5.88 -17.19 -15.14
CA ASN B 245 5.05 -16.05 -14.80
C ASN B 245 5.69 -14.71 -15.17
N TYR B 246 6.81 -14.70 -15.87
CA TYR B 246 7.29 -13.49 -16.50
C TYR B 246 6.67 -13.37 -17.89
N ARG B 247 6.51 -12.13 -18.35
CA ARG B 247 5.85 -11.89 -19.62
C ARG B 247 6.84 -11.47 -20.70
N ASN B 248 6.40 -11.65 -21.95
CA ASN B 248 7.21 -11.43 -23.14
C ASN B 248 7.34 -9.97 -23.50
N ASN B 249 7.58 -9.11 -22.52
CA ASN B 249 7.80 -7.72 -22.83
C ASN B 249 9.20 -7.56 -23.41
N PRO B 250 9.42 -6.51 -24.19
CA PRO B 250 10.77 -6.24 -24.70
C PRO B 250 11.82 -6.12 -23.60
N PHE B 251 11.60 -5.25 -22.60
CA PHE B 251 12.59 -5.02 -21.55
C PHE B 251 12.26 -5.79 -20.27
N HIS B 252 11.08 -5.55 -19.70
CA HIS B 252 10.71 -6.18 -18.42
C HIS B 252 10.26 -7.63 -18.67
N ASN B 253 11.25 -8.55 -18.75
CA ASN B 253 10.95 -9.95 -19.03
C ASN B 253 11.89 -10.84 -18.22
N PHE B 254 11.89 -12.13 -18.53
CA PHE B 254 12.58 -13.04 -17.65
C PHE B 254 14.08 -12.86 -17.71
N ARG B 255 14.61 -12.45 -18.86
CA ARG B 255 16.04 -12.21 -18.93
C ARG B 255 16.44 -11.00 -18.09
N HIS B 256 15.61 -9.96 -18.08
CA HIS B 256 15.79 -8.88 -17.12
C HIS B 256 15.81 -9.39 -15.68
N CYS B 257 14.77 -10.13 -15.28
CA CYS B 257 14.75 -10.82 -13.99
C CYS B 257 16.07 -11.50 -13.65
N PHE B 258 16.52 -12.37 -14.55
CA PHE B 258 17.80 -13.03 -14.38
C PHE B 258 18.95 -12.04 -14.28
N CYS B 259 18.92 -10.96 -15.08
CA CYS B 259 19.96 -9.94 -14.99
C CYS B 259 20.06 -9.34 -13.59
N VAL B 260 18.95 -9.29 -12.83
CA VAL B 260 19.02 -8.66 -11.53
C VAL B 260 19.58 -9.62 -10.51
N ALA B 261 19.18 -10.88 -10.58
CA ALA B 261 19.80 -11.88 -9.72
C ALA B 261 21.28 -12.07 -10.05
N GLN B 262 21.63 -12.16 -11.34
CA GLN B 262 23.04 -12.33 -11.70
C GLN B 262 23.88 -11.20 -11.12
N MET B 263 23.54 -9.95 -11.42
CA MET B 263 24.22 -8.80 -10.85
C MET B 263 24.16 -8.77 -9.32
N MET B 264 23.12 -9.35 -8.70
CA MET B 264 23.06 -9.36 -7.24
C MET B 264 24.04 -10.38 -6.64
N TYR B 265 24.03 -11.59 -7.21
CA TYR B 265 25.03 -12.62 -6.93
C TYR B 265 26.45 -12.08 -7.08
N SER B 266 26.65 -11.11 -7.99
CA SER B 266 27.98 -10.56 -8.23
C SER B 266 28.40 -9.64 -7.10
N MET B 267 27.46 -8.85 -6.59
CA MET B 267 27.74 -7.96 -5.47
C MET B 267 28.07 -8.73 -4.20
N VAL B 268 27.40 -9.85 -3.98
CA VAL B 268 27.75 -10.70 -2.84
C VAL B 268 29.24 -10.98 -2.81
N TRP B 269 29.83 -11.21 -3.99
CA TRP B 269 31.25 -11.50 -4.07
C TRP B 269 32.07 -10.23 -4.09
N LEU B 270 31.71 -9.29 -4.98
CA LEU B 270 32.48 -8.07 -5.16
C LEU B 270 32.67 -7.35 -3.84
N CYS B 271 31.63 -7.38 -2.99
CA CYS B 271 31.64 -6.73 -1.70
C CYS B 271 31.67 -7.71 -0.54
N SER B 272 31.82 -9.01 -0.80
CA SER B 272 31.86 -10.03 0.25
C SER B 272 30.72 -9.84 1.24
N LEU B 273 29.51 -9.65 0.71
CA LEU B 273 28.35 -9.36 1.54
C LEU B 273 28.10 -10.43 2.60
N GLN B 274 28.67 -11.61 2.45
CA GLN B 274 28.47 -12.61 3.49
C GLN B 274 29.37 -12.36 4.73
N GLU B 275 30.07 -11.23 4.80
CA GLU B 275 30.70 -10.75 6.03
C GLU B 275 29.92 -9.65 6.73
N LYS B 276 28.74 -9.31 6.25
CA LYS B 276 27.96 -8.24 6.89
C LYS B 276 26.46 -8.55 6.92
N PHE B 277 26.01 -9.64 6.30
CA PHE B 277 24.61 -10.04 6.27
C PHE B 277 24.48 -11.48 6.70
N SER B 278 23.37 -11.80 7.37
CA SER B 278 22.98 -13.17 7.58
C SER B 278 22.58 -13.82 6.26
N GLN B 279 22.48 -15.15 6.27
CA GLN B 279 21.90 -15.87 5.15
C GLN B 279 20.44 -15.50 4.92
N THR B 280 19.72 -15.10 5.98
CA THR B 280 18.36 -14.61 5.79
C THR B 280 18.36 -13.42 4.84
N ASP B 281 19.20 -12.43 5.13
CA ASP B 281 19.25 -11.26 4.27
C ASP B 281 19.75 -11.60 2.87
N ILE B 282 20.65 -12.56 2.74
CA ILE B 282 21.07 -13.01 1.41
C ILE B 282 19.89 -13.63 0.66
N LEU B 283 19.26 -14.65 1.25
CA LEU B 283 18.16 -15.32 0.58
C LEU B 283 17.06 -14.35 0.21
N ILE B 284 16.83 -13.35 1.09
CA ILE B 284 15.85 -12.29 0.84
C ILE B 284 16.30 -11.42 -0.31
N LEU B 285 17.59 -11.06 -0.33
CA LEU B 285 18.10 -10.26 -1.45
C LEU B 285 17.93 -11.01 -2.76
N MET B 286 18.26 -12.29 -2.78
CA MET B 286 18.23 -13.04 -4.02
C MET B 286 16.80 -13.32 -4.43
N THR B 287 16.01 -13.93 -3.55
CA THR B 287 14.64 -14.27 -3.93
C THR B 287 13.84 -13.05 -4.35
N ALA B 288 14.19 -11.87 -3.86
CA ALA B 288 13.52 -10.64 -4.28
C ALA B 288 14.05 -10.13 -5.63
N ALA B 289 15.38 -10.17 -5.81
CA ALA B 289 15.94 -9.85 -7.13
C ALA B 289 15.16 -10.57 -8.21
N ILE B 290 14.96 -11.88 -8.02
CA ILE B 290 14.30 -12.71 -9.02
C ILE B 290 12.83 -12.39 -9.08
N CYS B 291 12.24 -11.98 -7.97
CA CYS B 291 10.80 -11.82 -7.92
C CYS B 291 10.31 -10.39 -8.13
N HIS B 292 11.19 -9.41 -8.38
CA HIS B 292 10.77 -8.02 -8.30
C HIS B 292 10.04 -7.48 -9.53
N ASP B 293 9.82 -8.28 -10.59
CA ASP B 293 9.04 -7.80 -11.74
C ASP B 293 8.08 -8.86 -12.29
N LEU B 294 7.59 -9.76 -11.43
CA LEU B 294 6.66 -10.81 -11.85
C LEU B 294 5.39 -10.26 -12.47
N ASP B 295 5.13 -10.67 -13.72
CA ASP B 295 3.91 -10.38 -14.47
C ASP B 295 3.79 -8.89 -14.84
N HIS B 296 4.91 -8.22 -15.04
CA HIS B 296 4.99 -6.88 -15.58
C HIS B 296 4.27 -6.82 -16.93
N PRO B 297 3.26 -5.96 -17.09
CA PRO B 297 2.46 -5.97 -18.32
C PRO B 297 3.09 -5.23 -19.50
N GLY B 298 4.19 -4.52 -19.30
CA GLY B 298 4.83 -3.75 -20.34
C GLY B 298 4.51 -2.27 -20.33
N TYR B 299 3.94 -1.77 -19.22
CA TYR B 299 3.43 -0.40 -19.09
C TYR B 299 3.61 0.00 -17.64
N ASN B 300 4.22 1.16 -17.41
CA ASN B 300 4.70 1.53 -16.08
C ASN B 300 3.54 1.97 -15.18
N ASN B 301 3.85 2.57 -14.02
CA ASN B 301 2.81 2.92 -13.04
C ASN B 301 1.97 4.10 -13.53
N THR B 302 2.62 5.12 -14.08
CA THR B 302 1.90 6.22 -14.68
C THR B 302 0.90 5.73 -15.71
N TYR B 303 1.25 4.69 -16.48
CA TYR B 303 0.24 4.16 -17.39
C TYR B 303 -0.94 3.64 -16.60
N GLN B 304 -0.66 2.79 -15.61
CA GLN B 304 -1.71 2.15 -14.82
C GLN B 304 -2.64 3.18 -14.16
N ILE B 305 -2.06 4.18 -13.48
CA ILE B 305 -2.85 5.25 -12.86
C ILE B 305 -3.65 6.02 -13.91
N ASN B 306 -2.95 6.61 -14.89
CA ASN B 306 -3.60 7.56 -15.82
C ASN B 306 -4.65 6.91 -16.69
N ALA B 307 -4.64 5.58 -16.84
CA ALA B 307 -5.65 4.86 -17.62
C ALA B 307 -6.66 4.08 -16.77
N ARG B 308 -6.44 4.02 -15.45
CA ARG B 308 -7.38 3.49 -14.46
C ARG B 308 -7.66 2.00 -14.71
N THR B 309 -6.59 1.21 -14.55
CA THR B 309 -6.64 -0.21 -14.86
C THR B 309 -7.08 -1.04 -13.65
N GLU B 310 -7.36 -2.32 -13.90
CA GLU B 310 -7.67 -3.24 -12.81
C GLU B 310 -6.63 -3.12 -11.72
N LEU B 311 -5.36 -2.93 -12.10
CA LEU B 311 -4.27 -2.82 -11.14
C LEU B 311 -4.24 -1.48 -10.42
N ALA B 312 -4.23 -0.37 -11.17
CA ALA B 312 -4.28 0.94 -10.53
C ALA B 312 -5.42 1.04 -9.52
N VAL B 313 -6.58 0.51 -9.90
CA VAL B 313 -7.71 0.46 -8.98
C VAL B 313 -7.47 -0.54 -7.86
N ARG B 314 -6.78 -1.66 -8.14
CA ARG B 314 -6.56 -2.66 -7.10
C ARG B 314 -5.67 -2.17 -5.96
N TYR B 315 -4.71 -1.28 -6.26
CA TYR B 315 -3.77 -0.84 -5.24
C TYR B 315 -3.82 0.66 -4.99
N ASN B 316 -4.94 1.32 -5.36
CA ASN B 316 -5.26 2.71 -4.98
C ASN B 316 -4.19 3.72 -5.43
N ASP B 317 -3.63 3.49 -6.61
CA ASP B 317 -2.60 4.34 -7.25
C ASP B 317 -1.26 4.36 -6.48
N ILE B 318 -0.94 3.32 -5.69
CA ILE B 318 0.22 3.32 -4.79
C ILE B 318 1.12 2.15 -5.18
N SER B 319 2.25 2.44 -5.85
CA SER B 319 3.16 1.48 -6.50
C SER B 319 2.47 0.21 -6.99
N PRO B 320 1.44 0.32 -7.83
CA PRO B 320 0.59 -0.85 -8.05
C PRO B 320 1.34 -2.00 -8.67
N LEU B 321 2.28 -1.73 -9.60
CA LEU B 321 3.04 -2.82 -10.20
C LEU B 321 3.88 -3.53 -9.14
N GLU B 322 4.70 -2.78 -8.41
CA GLU B 322 5.55 -3.40 -7.40
C GLU B 322 4.71 -4.09 -6.31
N ASN B 323 3.46 -3.66 -6.11
CA ASN B 323 2.55 -4.39 -5.24
C ASN B 323 2.16 -5.73 -5.85
N HIS B 324 1.82 -5.71 -7.14
CA HIS B 324 1.32 -6.92 -7.79
C HIS B 324 2.43 -7.94 -7.96
N HIS B 325 3.66 -7.49 -8.25
CA HIS B 325 4.79 -8.42 -8.40
C HIS B 325 4.98 -9.20 -7.11
N CYS B 326 4.79 -8.53 -5.98
CA CYS B 326 4.82 -9.17 -4.68
C CYS B 326 3.73 -10.21 -4.55
N ALA B 327 2.48 -9.82 -4.86
CA ALA B 327 1.36 -10.74 -4.74
C ALA B 327 1.60 -11.98 -5.56
N VAL B 328 2.14 -11.80 -6.77
CA VAL B 328 2.44 -12.93 -7.62
C VAL B 328 3.51 -13.82 -6.98
N ALA B 329 4.53 -13.21 -6.36
CA ALA B 329 5.61 -14.00 -5.77
C ALA B 329 5.08 -14.96 -4.72
N PHE B 330 4.34 -14.45 -3.76
CA PHE B 330 3.87 -15.32 -2.69
C PHE B 330 2.67 -16.17 -3.09
N GLN B 331 1.94 -15.81 -4.15
CA GLN B 331 1.00 -16.78 -4.71
C GLN B 331 1.75 -17.98 -5.23
N ILE B 332 2.84 -17.74 -5.96
CA ILE B 332 3.64 -18.82 -6.48
C ILE B 332 4.19 -19.65 -5.34
N LEU B 333 4.69 -18.98 -4.28
CA LEU B 333 5.19 -19.69 -3.10
C LEU B 333 4.10 -20.46 -2.37
N ALA B 334 2.87 -19.94 -2.34
CA ALA B 334 1.80 -20.63 -1.62
C ALA B 334 1.57 -22.05 -2.11
N GLU B 335 1.89 -22.33 -3.39
CA GLU B 335 1.74 -23.66 -3.95
C GLU B 335 2.84 -24.58 -3.45
N PRO B 336 2.49 -25.78 -3.00
CA PRO B 336 3.55 -26.64 -2.35
C PRO B 336 4.74 -26.98 -3.25
N GLU B 337 4.51 -27.08 -4.56
CA GLU B 337 5.59 -27.51 -5.45
C GLU B 337 6.51 -26.37 -5.87
N CYS B 338 6.12 -25.11 -5.62
CA CYS B 338 6.97 -23.97 -5.87
C CYS B 338 7.43 -23.32 -4.58
N ASN B 339 7.28 -24.00 -3.46
CA ASN B 339 7.48 -23.40 -2.16
C ASN B 339 8.87 -23.75 -1.63
N ILE B 340 9.88 -23.10 -2.19
CA ILE B 340 11.25 -23.31 -1.72
C ILE B 340 11.42 -22.88 -0.26
N PHE B 341 10.31 -22.59 0.43
CA PHE B 341 10.38 -22.26 1.84
C PHE B 341 9.72 -23.30 2.75
N SER B 342 9.22 -24.41 2.21
CA SER B 342 8.36 -25.28 3.01
C SER B 342 9.03 -25.80 4.29
N ASN B 343 10.33 -25.63 4.48
CA ASN B 343 11.00 -26.16 5.66
C ASN B 343 11.67 -25.07 6.49
N ILE B 344 11.27 -23.82 6.28
CA ILE B 344 11.66 -22.70 7.13
C ILE B 344 10.61 -22.55 8.23
N PRO B 345 11.02 -22.44 9.50
CA PRO B 345 10.02 -22.28 10.56
C PRO B 345 9.22 -21.00 10.35
N PRO B 346 8.00 -20.94 10.88
CA PRO B 346 7.13 -19.81 10.56
C PRO B 346 7.70 -18.42 10.82
N ASP B 347 8.43 -18.19 11.94
CA ASP B 347 9.09 -16.90 12.14
C ASP B 347 10.08 -16.59 11.04
N GLY B 348 10.72 -17.62 10.48
CA GLY B 348 11.57 -17.41 9.32
C GLY B 348 10.78 -16.94 8.11
N PHE B 349 9.69 -17.66 7.79
CA PHE B 349 8.84 -17.29 6.67
C PHE B 349 8.23 -15.90 6.83
N LYS B 350 8.04 -15.44 8.05
CA LYS B 350 7.49 -14.10 8.20
C LYS B 350 8.57 -13.06 7.96
N GLN B 351 9.73 -13.25 8.58
CA GLN B 351 10.83 -12.31 8.41
C GLN B 351 11.27 -12.26 6.94
N ILE B 352 11.30 -13.41 6.26
CA ILE B 352 11.65 -13.42 4.84
C ILE B 352 10.63 -12.66 4.01
N ARG B 353 9.34 -12.93 4.24
CA ARG B 353 8.28 -12.32 3.43
C ARG B 353 8.31 -10.80 3.56
N GLN B 354 8.50 -10.33 4.77
CA GLN B 354 8.51 -8.91 5.01
C GLN B 354 9.72 -8.28 4.35
N GLY B 355 10.87 -8.95 4.39
CA GLY B 355 12.04 -8.42 3.72
C GLY B 355 11.84 -8.26 2.23
N MET B 356 11.28 -9.29 1.59
CA MET B 356 11.05 -9.24 0.14
C MET B 356 10.04 -8.18 -0.24
N ILE B 357 9.03 -7.95 0.61
CA ILE B 357 8.04 -6.93 0.28
C ILE B 357 8.71 -5.57 0.31
N THR B 358 9.45 -5.27 1.39
CA THR B 358 10.18 -4.00 1.46
C THR B 358 11.04 -3.81 0.23
N LEU B 359 11.80 -4.84 -0.15
CA LEU B 359 12.81 -4.69 -1.19
C LEU B 359 12.17 -4.59 -2.58
N ILE B 360 11.26 -5.49 -2.92
CA ILE B 360 10.48 -5.36 -4.15
C ILE B 360 9.83 -3.99 -4.20
N LEU B 361 9.03 -3.65 -3.17
CA LEU B 361 8.40 -2.32 -3.14
C LEU B 361 9.42 -1.19 -3.24
N ALA B 362 10.66 -1.41 -2.80
CA ALA B 362 11.72 -0.42 -2.93
C ALA B 362 12.16 -0.21 -4.38
N THR B 363 11.75 -1.07 -5.31
CA THR B 363 12.20 -0.93 -6.69
C THR B 363 11.49 0.20 -7.43
N ASP B 364 10.33 0.64 -6.94
CA ASP B 364 9.57 1.75 -7.53
C ASP B 364 10.44 2.99 -7.65
N MET B 365 10.66 3.42 -8.89
CA MET B 365 11.47 4.59 -9.21
C MET B 365 10.83 5.89 -8.77
N ALA B 366 9.55 5.89 -8.42
CA ALA B 366 8.97 7.10 -7.86
C ALA B 366 9.70 7.51 -6.60
N ARG B 367 10.17 6.52 -5.83
CA ARG B 367 10.72 6.76 -4.51
C ARG B 367 12.25 6.78 -4.49
N HIS B 368 12.91 6.82 -5.66
CA HIS B 368 14.38 6.81 -5.70
C HIS B 368 15.00 7.90 -4.84
N ALA B 369 14.36 9.06 -4.72
CA ALA B 369 15.01 10.12 -3.98
C ALA B 369 14.73 9.99 -2.50
N GLU B 370 13.45 9.83 -2.15
CA GLU B 370 13.02 9.50 -0.80
C GLU B 370 13.92 8.39 -0.25
N ILE B 371 14.15 7.35 -1.07
CA ILE B 371 14.95 6.20 -0.63
C ILE B 371 16.43 6.60 -0.51
N MET B 372 16.92 7.46 -1.39
CA MET B 372 18.34 7.82 -1.33
C MET B 372 18.64 8.84 -0.24
N ASP B 373 17.72 9.80 -0.03
CA ASP B 373 17.94 10.82 1.00
C ASP B 373 18.01 10.18 2.38
N SER B 374 17.13 9.22 2.66
CA SER B 374 17.21 8.45 3.90
C SER B 374 18.61 7.85 4.04
N PHE B 375 19.05 7.17 2.98
CA PHE B 375 20.27 6.37 3.02
C PHE B 375 21.51 7.22 3.18
N LYS B 376 21.65 8.23 2.31
CA LYS B 376 22.80 9.13 2.40
C LYS B 376 22.86 9.81 3.74
N GLU B 377 21.69 9.98 4.38
CA GLU B 377 21.61 10.53 5.73
C GLU B 377 22.10 9.52 6.76
N LYS B 378 21.63 8.27 6.65
CA LYS B 378 22.19 7.21 7.47
C LYS B 378 23.65 6.99 7.17
N MET B 379 24.15 7.53 6.07
CA MET B 379 25.57 7.36 5.76
C MET B 379 26.43 8.18 6.72
N GLU B 380 25.94 9.32 7.19
CA GLU B 380 26.66 10.27 8.04
C GLU B 380 27.47 9.55 9.11
N ASN B 381 26.93 8.41 9.55
CA ASN B 381 27.62 7.48 10.43
C ASN B 381 26.83 6.17 10.35
N PHE B 382 27.21 5.31 9.41
CA PHE B 382 26.44 4.10 9.12
C PHE B 382 26.82 2.95 10.05
N ASP B 383 25.82 2.14 10.44
CA ASP B 383 25.99 1.07 11.43
C ASP B 383 25.45 -0.26 10.92
N TYR B 384 26.35 -1.26 10.78
CA TYR B 384 25.95 -2.60 10.34
C TYR B 384 25.25 -3.41 11.42
N SER B 385 25.23 -2.92 12.67
CA SER B 385 24.42 -3.52 13.74
C SER B 385 23.06 -2.85 13.87
N ASN B 386 22.79 -1.79 13.11
CA ASN B 386 21.52 -1.08 13.18
C ASN B 386 20.59 -1.68 12.13
N GLU B 387 19.47 -2.25 12.56
CA GLU B 387 18.64 -3.00 11.64
C GLU B 387 17.90 -2.07 10.70
N GLU B 388 17.41 -0.94 11.23
CA GLU B 388 16.84 0.09 10.38
C GLU B 388 17.88 0.62 9.38
N HIS B 389 19.17 0.63 9.75
CA HIS B 389 20.21 1.02 8.80
C HIS B 389 20.34 0.01 7.67
N MET B 390 20.21 -1.27 8.02
CA MET B 390 20.50 -2.35 7.10
C MET B 390 19.35 -2.61 6.15
N THR B 391 18.13 -2.22 6.54
CA THR B 391 17.00 -2.34 5.63
C THR B 391 17.21 -1.48 4.40
N LEU B 392 17.66 -0.23 4.57
CA LEU B 392 17.89 0.64 3.42
C LEU B 392 19.09 0.20 2.60
N LEU B 393 20.16 -0.26 3.24
CA LEU B 393 21.30 -0.78 2.49
C LEU B 393 20.87 -1.91 1.57
N LYS B 394 19.92 -2.72 2.00
CA LYS B 394 19.37 -3.73 1.10
C LYS B 394 18.52 -3.09 0.00
N MET B 395 17.66 -2.12 0.37
CA MET B 395 16.86 -1.43 -0.65
C MET B 395 17.77 -0.82 -1.71
N ILE B 396 18.93 -0.31 -1.30
CA ILE B 396 19.88 0.28 -2.24
C ILE B 396 20.54 -0.79 -3.11
N LEU B 397 20.66 -2.01 -2.59
CA LEU B 397 21.32 -3.07 -3.35
C LEU B 397 20.42 -3.57 -4.48
N ILE B 398 19.19 -3.99 -4.14
CA ILE B 398 18.22 -4.41 -5.16
C ILE B 398 17.96 -3.28 -6.16
N LYS B 399 17.90 -2.04 -5.67
CA LYS B 399 17.78 -0.92 -6.58
C LYS B 399 19.03 -0.74 -7.43
N CYS B 400 20.21 -1.06 -6.88
CA CYS B 400 21.43 -1.03 -7.68
C CYS B 400 21.43 -2.09 -8.78
N CYS B 401 20.97 -3.30 -8.47
CA CYS B 401 20.99 -4.31 -9.51
C CYS B 401 19.85 -4.12 -10.52
N ASP B 402 18.73 -3.53 -10.07
CA ASP B 402 17.56 -3.31 -10.93
C ASP B 402 17.91 -2.44 -12.12
N ILE B 403 18.76 -1.43 -11.92
CA ILE B 403 19.02 -0.48 -12.98
C ILE B 403 20.47 -0.58 -13.44
N SER B 404 21.07 -1.78 -13.32
CA SER B 404 22.50 -1.96 -13.46
C SER B 404 22.94 -2.51 -14.83
N ASN B 405 22.14 -2.38 -15.89
CA ASN B 405 22.60 -2.90 -17.18
C ASN B 405 23.89 -2.20 -17.64
N GLU B 406 23.90 -0.87 -17.65
CA GLU B 406 25.06 -0.12 -18.14
C GLU B 406 26.33 -0.36 -17.30
N VAL B 407 26.23 -1.15 -16.24
CA VAL B 407 27.45 -1.55 -15.54
C VAL B 407 28.14 -2.65 -16.31
N ARG B 408 27.36 -3.45 -17.04
CA ARG B 408 27.90 -4.46 -17.92
C ARG B 408 28.65 -3.79 -19.06
N PRO B 409 29.53 -4.53 -19.75
CA PRO B 409 30.31 -3.91 -20.82
C PRO B 409 29.41 -3.47 -21.95
N MET B 410 29.86 -2.40 -22.62
CA MET B 410 29.22 -1.77 -23.75
C MET B 410 28.49 -2.73 -24.68
N GLU B 411 28.92 -3.98 -24.81
CA GLU B 411 28.23 -4.88 -25.73
C GLU B 411 27.03 -5.57 -25.06
N VAL B 412 27.11 -5.84 -23.76
CA VAL B 412 25.93 -6.38 -23.09
C VAL B 412 24.98 -5.24 -22.68
N ALA B 413 25.55 -4.09 -22.30
CA ALA B 413 24.73 -2.94 -21.95
C ALA B 413 23.91 -2.46 -23.14
N GLU B 414 24.58 -2.05 -24.24
CA GLU B 414 23.95 -1.38 -25.38
C GLU B 414 22.58 -1.91 -25.80
N PRO B 415 22.34 -3.22 -25.97
CA PRO B 415 21.03 -3.66 -26.51
C PRO B 415 19.90 -3.80 -25.49
N TRP B 416 20.14 -3.51 -24.20
CA TRP B 416 19.04 -3.33 -23.27
C TRP B 416 18.33 -1.99 -23.47
N VAL B 417 19.01 -1.01 -24.06
CA VAL B 417 18.43 0.31 -24.31
C VAL B 417 17.51 0.29 -25.54
N ASP B 418 17.78 -0.57 -26.53
CA ASP B 418 16.86 -0.77 -27.64
C ASP B 418 15.60 -1.50 -27.19
N CYS B 419 15.78 -2.55 -26.38
CA CYS B 419 14.65 -3.19 -25.68
C CYS B 419 13.82 -2.17 -24.89
N LEU B 420 14.48 -1.24 -24.20
CA LEU B 420 13.79 -0.33 -23.30
C LEU B 420 12.91 0.61 -24.10
N LEU B 421 13.53 1.51 -24.87
CA LEU B 421 12.80 2.39 -25.80
C LEU B 421 11.62 1.69 -26.48
N GLU B 422 11.84 0.50 -27.04
CA GLU B 422 10.76 -0.24 -27.68
C GLU B 422 9.54 -0.33 -26.79
N GLU B 423 9.70 -1.05 -25.69
CA GLU B 423 8.70 -1.18 -24.63
C GLU B 423 8.09 0.19 -24.36
N TYR B 424 8.92 1.21 -24.25
CA TYR B 424 8.44 2.55 -23.93
C TYR B 424 7.58 3.14 -25.05
N PHE B 425 7.96 2.90 -26.31
CA PHE B 425 7.16 3.40 -27.43
C PHE B 425 5.82 2.70 -27.47
N MET B 426 5.82 1.37 -27.27
CA MET B 426 4.61 0.59 -27.16
C MET B 426 3.59 1.23 -26.22
N GLN B 427 4.05 1.98 -25.22
CA GLN B 427 3.13 2.62 -24.29
C GLN B 427 2.75 4.02 -24.74
N SER B 428 3.73 4.88 -25.00
CA SER B 428 3.43 6.22 -25.50
C SER B 428 2.66 6.17 -26.81
N ASP B 429 2.82 5.11 -27.60
CA ASP B 429 1.87 4.82 -28.67
C ASP B 429 0.48 4.74 -28.10
N ARG B 430 0.30 3.79 -27.18
CA ARG B 430 -0.96 3.56 -26.53
C ARG B 430 -1.49 4.85 -25.92
N GLU B 431 -0.61 5.58 -25.22
CA GLU B 431 -1.04 6.79 -24.53
C GLU B 431 -1.45 7.90 -25.51
N LYS B 432 -0.81 7.97 -26.68
CA LYS B 432 -1.23 8.81 -27.79
C LYS B 432 -2.70 8.56 -28.14
N SER B 433 -2.95 7.35 -28.68
CA SER B 433 -4.27 6.99 -29.16
C SER B 433 -5.32 7.23 -28.08
N GLU B 434 -5.19 6.50 -26.96
CA GLU B 434 -6.21 6.54 -25.92
C GLU B 434 -6.48 7.96 -25.43
N GLY B 435 -5.51 8.86 -25.53
CA GLY B 435 -5.72 10.25 -25.18
C GLY B 435 -5.14 10.72 -23.87
N LEU B 436 -4.19 9.99 -23.30
CA LEU B 436 -3.60 10.16 -21.99
C LEU B 436 -2.25 10.84 -22.10
N PRO B 437 -1.71 11.39 -21.00
CA PRO B 437 -0.40 12.05 -21.08
C PRO B 437 0.70 11.10 -21.59
N VAL B 438 1.64 11.67 -22.35
CA VAL B 438 2.77 10.95 -22.92
C VAL B 438 4.04 11.63 -22.44
N ALA B 439 4.97 10.84 -21.81
CA ALA B 439 6.09 11.54 -21.19
C ALA B 439 7.21 11.73 -22.21
N PRO B 440 7.87 12.88 -22.14
CA PRO B 440 8.98 13.18 -23.05
C PRO B 440 9.96 12.01 -23.22
N PHE B 441 10.45 11.44 -22.11
CA PHE B 441 11.47 10.41 -22.26
C PHE B 441 10.92 9.18 -22.98
N MET B 442 9.60 9.06 -23.10
CA MET B 442 9.02 7.97 -23.87
C MET B 442 8.41 8.45 -25.18
N ASP B 443 8.67 9.69 -25.57
CA ASP B 443 8.09 10.26 -26.77
C ASP B 443 8.85 9.80 -28.01
N ARG B 444 8.15 9.10 -28.90
CA ARG B 444 8.81 8.55 -30.09
C ARG B 444 9.48 9.64 -30.90
N ASP B 445 9.09 10.89 -30.70
CA ASP B 445 9.78 11.98 -31.37
C ASP B 445 10.88 12.59 -30.51
N LYS B 446 10.76 12.54 -29.19
CA LYS B 446 11.73 13.24 -28.34
C LYS B 446 13.01 12.45 -28.10
N VAL B 447 12.90 11.16 -27.80
CA VAL B 447 13.95 10.45 -27.06
C VAL B 447 14.82 9.64 -28.00
N THR B 448 16.13 9.71 -27.78
CA THR B 448 17.10 8.92 -28.50
C THR B 448 17.78 8.03 -27.48
N LYS B 449 18.24 6.87 -27.94
CA LYS B 449 19.03 5.94 -27.13
C LYS B 449 20.15 6.64 -26.35
N ALA B 450 20.73 7.71 -26.91
CA ALA B 450 21.82 8.39 -26.22
C ALA B 450 21.28 9.34 -25.16
N THR B 451 20.37 10.23 -25.54
CA THR B 451 19.78 11.12 -24.54
C THR B 451 18.88 10.36 -23.57
N ALA B 452 18.71 9.04 -23.75
CA ALA B 452 18.00 8.23 -22.77
C ALA B 452 18.88 7.71 -21.63
N GLN B 453 20.21 7.69 -21.81
CA GLN B 453 21.16 7.25 -20.78
C GLN B 453 22.02 8.36 -20.18
N ILE B 454 22.43 9.36 -20.97
CA ILE B 454 23.29 10.44 -20.44
C ILE B 454 22.75 10.96 -19.13
N GLY B 455 21.46 11.30 -19.11
CA GLY B 455 20.86 11.77 -17.88
C GLY B 455 20.77 10.68 -16.83
N PHE B 456 20.40 9.48 -17.27
CA PHE B 456 20.24 8.38 -16.34
C PHE B 456 21.54 8.10 -15.60
N ILE B 457 22.61 7.82 -16.35
CA ILE B 457 23.91 7.53 -15.73
C ILE B 457 24.35 8.68 -14.83
N LYS B 458 24.30 9.92 -15.35
CA LYS B 458 24.90 11.06 -14.66
C LYS B 458 24.20 11.35 -13.35
N PHE B 459 22.87 11.29 -13.32
CA PHE B 459 22.12 11.77 -12.18
C PHE B 459 21.33 10.69 -11.46
N VAL B 460 21.49 9.41 -11.86
CA VAL B 460 20.84 8.29 -11.17
C VAL B 460 21.91 7.28 -10.78
N LEU B 461 22.43 6.56 -11.77
CA LEU B 461 23.38 5.47 -11.52
C LEU B 461 24.59 5.91 -10.72
N ILE B 462 25.29 6.94 -11.17
CA ILE B 462 26.60 7.26 -10.61
C ILE B 462 26.49 7.86 -9.21
N PRO B 463 25.61 8.84 -8.95
CA PRO B 463 25.41 9.23 -7.54
C PRO B 463 25.09 8.04 -6.65
N MET B 464 24.26 7.10 -7.13
CA MET B 464 23.84 5.97 -6.30
C MET B 464 25.00 5.04 -6.03
N PHE B 465 25.83 4.77 -7.03
CA PHE B 465 27.01 3.96 -6.80
C PHE B 465 28.16 4.76 -6.19
N GLU B 466 28.10 6.09 -6.23
CA GLU B 466 29.06 6.88 -5.45
C GLU B 466 28.81 6.68 -3.95
N THR B 467 27.59 6.98 -3.50
CA THR B 467 27.23 6.68 -2.13
C THR B 467 27.55 5.24 -1.76
N VAL B 468 27.25 4.28 -2.64
CA VAL B 468 27.50 2.90 -2.29
C VAL B 468 29.01 2.60 -2.24
N THR B 469 29.84 3.42 -2.87
CA THR B 469 31.28 3.16 -2.85
C THR B 469 31.87 3.53 -1.49
N LYS B 470 31.35 4.61 -0.89
CA LYS B 470 31.82 5.02 0.43
C LYS B 470 31.78 3.87 1.42
N LEU B 471 30.93 2.88 1.17
CA LEU B 471 30.77 1.68 1.96
C LEU B 471 31.56 0.50 1.42
N PHE B 472 31.60 0.35 0.09
CA PHE B 472 32.41 -0.66 -0.59
C PHE B 472 33.24 0.06 -1.63
N PRO B 473 34.53 0.29 -1.36
CA PRO B 473 35.34 1.05 -2.33
C PRO B 473 35.63 0.24 -3.57
N MET B 474 35.75 -1.07 -3.44
CA MET B 474 36.03 -1.96 -4.56
C MET B 474 34.93 -1.92 -5.61
N VAL B 475 33.96 -1.04 -5.42
CA VAL B 475 32.89 -0.82 -6.38
C VAL B 475 33.29 0.22 -7.40
N GLU B 476 34.04 1.22 -6.96
CA GLU B 476 34.48 2.29 -7.84
C GLU B 476 35.07 1.72 -9.11
N GLU B 477 36.04 0.81 -8.96
CA GLU B 477 36.73 0.31 -10.15
C GLU B 477 35.85 -0.64 -10.96
N ILE B 478 35.07 -1.50 -10.29
CA ILE B 478 34.34 -2.54 -11.02
C ILE B 478 33.01 -2.05 -11.57
N MET B 479 32.42 -1.02 -10.99
CA MET B 479 31.08 -0.67 -11.44
C MET B 479 31.03 0.81 -11.74
N LEU B 480 31.78 1.61 -11.01
CA LEU B 480 31.71 3.04 -11.24
C LEU B 480 32.44 3.47 -12.50
N GLN B 481 33.23 2.60 -13.11
CA GLN B 481 33.99 3.05 -14.26
C GLN B 481 33.27 2.76 -15.57
N PRO B 482 32.71 1.54 -15.80
CA PRO B 482 31.77 1.38 -16.91
C PRO B 482 30.81 2.54 -17.00
N LEU B 483 30.39 3.01 -15.83
CA LEU B 483 29.51 4.14 -15.79
C LEU B 483 30.21 5.45 -16.16
N TRP B 484 31.54 5.52 -16.12
CA TRP B 484 32.19 6.73 -16.63
C TRP B 484 32.44 6.65 -18.12
N GLU B 485 32.82 5.47 -18.59
CA GLU B 485 33.05 5.28 -20.01
C GLU B 485 31.76 5.11 -20.79
N SER B 486 30.68 4.62 -20.16
CA SER B 486 29.38 4.65 -20.82
C SER B 486 28.85 6.08 -20.92
N ARG B 487 28.94 6.86 -19.85
CA ARG B 487 28.45 8.23 -19.94
C ARG B 487 29.15 8.96 -21.05
N ASP B 488 30.44 8.70 -21.22
CA ASP B 488 31.21 9.45 -22.19
C ASP B 488 31.00 8.93 -23.62
N ARG B 489 30.78 7.62 -23.80
CA ARG B 489 30.41 7.15 -25.12
C ARG B 489 29.10 7.80 -25.57
N TYR B 490 28.09 7.77 -24.70
CA TYR B 490 26.80 8.34 -25.06
C TYR B 490 26.87 9.85 -25.28
N GLU B 491 27.72 10.56 -24.52
CA GLU B 491 27.90 11.98 -24.81
C GLU B 491 28.43 12.20 -26.22
N GLU B 492 29.20 11.22 -26.75
CA GLU B 492 29.78 11.30 -28.09
C GLU B 492 28.77 10.91 -29.17
N LEU B 493 27.95 9.92 -28.91
CA LEU B 493 26.93 9.55 -29.88
C LEU B 493 25.89 10.65 -30.06
N LYS B 494 25.47 11.29 -28.96
CA LYS B 494 24.59 12.46 -29.09
C LYS B 494 25.17 13.46 -30.07
N ARG B 495 26.46 13.78 -29.92
CA ARG B 495 27.10 14.76 -30.79
C ARG B 495 27.00 14.40 -32.27
N ILE B 496 26.60 13.18 -32.61
CA ILE B 496 26.47 12.88 -34.03
C ILE B 496 24.99 12.78 -34.37
N ASP B 497 24.15 12.46 -33.40
CA ASP B 497 22.73 12.67 -33.61
C ASP B 497 22.45 14.14 -33.80
N ASP B 498 22.97 14.96 -32.88
CA ASP B 498 22.87 16.42 -33.01
C ASP B 498 23.33 16.84 -34.39
N ALA B 499 24.55 16.43 -34.78
CA ALA B 499 25.08 16.74 -36.11
C ALA B 499 24.10 16.29 -37.19
N MET B 500 23.59 15.08 -37.08
CA MET B 500 22.62 14.60 -38.04
C MET B 500 21.25 15.26 -37.88
#